data_6AG5
#
_entry.id   6AG5
#
_cell.length_a   41.217
_cell.length_b   52.926
_cell.length_c   73.576
_cell.angle_alpha   90.00
_cell.angle_beta   90.00
_cell.angle_gamma   90.00
#
_symmetry.space_group_name_H-M   'P 21 21 21'
#
loop_
_entity.id
_entity.type
_entity.pdbx_description
1 polymer N-alpha-acetyltransferase
2 non-polymer 'ACETYL COENZYME *A'
3 non-polymer 'CALCIUM ION'
4 water water
#
_entity_poly.entity_id   1
_entity_poly.type   'polypeptide(L)'
_entity_poly.pdbx_seq_one_letter_code
;MELAEKDKGRDFTLRNARMDDIDQIIKINRLTLPENYPYYFFVEHLKEYGLAFFVAIVDNSVVGYIMPRIEWGFSNIKQL
PSLVRKGEVVSIAVLEEYRRKGIATTLLEASMKSMKNDYNAEEIYLHVRVSNYPAIALYEKLNFKKVKVLKGYYADGEDA
YLMARPLHHHHHHPL
;
_entity_poly.pdbx_strand_id   A
#
# COMPACT_ATOMS: atom_id res chain seq x y z
N ASP A 11 -13.94 -15.77 8.41
CA ASP A 11 -12.81 -14.94 8.79
C ASP A 11 -11.58 -15.22 7.94
N PHE A 12 -10.68 -14.25 7.95
CA PHE A 12 -9.38 -14.34 7.33
C PHE A 12 -8.28 -14.31 8.40
N THR A 13 -7.05 -14.65 8.01
CA THR A 13 -5.91 -14.41 8.88
C THR A 13 -4.86 -13.58 8.12
N LEU A 14 -3.95 -12.99 8.86
CA LEU A 14 -2.95 -12.11 8.27
C LEU A 14 -1.56 -12.63 8.61
N ARG A 15 -0.63 -12.49 7.67
CA ARG A 15 0.76 -12.88 7.92
C ARG A 15 1.65 -12.19 6.91
N ASN A 16 2.95 -12.16 7.18
CA ASN A 16 3.87 -11.54 6.25
C ASN A 16 3.89 -12.29 4.92
N ALA A 17 4.06 -11.55 3.83
CA ALA A 17 4.18 -12.15 2.51
C ALA A 17 5.41 -13.06 2.43
N ARG A 18 5.33 -14.07 1.56
CA ARG A 18 6.46 -14.98 1.30
C ARG A 18 6.59 -15.11 -0.20
N MET A 19 7.75 -15.60 -0.66
CA MET A 19 8.02 -15.77 -2.09
C MET A 19 6.98 -16.65 -2.78
N ASP A 20 6.47 -17.64 -2.05
CA ASP A 20 5.51 -18.57 -2.62
C ASP A 20 4.17 -17.88 -2.82
N ASP A 21 3.96 -16.75 -2.15
CA ASP A 21 2.72 -16.01 -2.28
C ASP A 21 2.72 -15.14 -3.53
N ILE A 22 3.89 -14.96 -4.16
CA ILE A 22 4.00 -13.92 -5.17
C ILE A 22 3.12 -14.16 -6.42
N ASP A 23 2.99 -15.40 -6.86
CA ASP A 23 2.11 -15.69 -7.99
C ASP A 23 0.66 -15.31 -7.67
N GLN A 24 0.19 -15.64 -6.48
CA GLN A 24 -1.18 -15.30 -6.11
C GLN A 24 -1.35 -13.80 -6.00
N ILE A 25 -0.34 -13.13 -5.47
CA ILE A 25 -0.35 -11.68 -5.33
C ILE A 25 -0.44 -11.00 -6.72
N ILE A 26 0.42 -11.43 -7.64
CA ILE A 26 0.37 -10.94 -9.02
C ILE A 26 -1.02 -11.12 -9.67
N LYS A 27 -1.62 -12.29 -9.49
CA LYS A 27 -2.94 -12.53 -10.05
C LYS A 27 -3.98 -11.60 -9.41
N ILE A 28 -3.86 -11.37 -8.11
CA ILE A 28 -4.76 -10.44 -7.42
C ILE A 28 -4.59 -9.02 -7.98
N ASN A 29 -3.35 -8.60 -8.13
CA ASN A 29 -3.04 -7.28 -8.68
C ASN A 29 -3.65 -7.09 -10.09
N ARG A 30 -3.56 -8.10 -10.95
CA ARG A 30 -4.06 -7.98 -12.34
C ARG A 30 -5.59 -8.01 -12.43
N LEU A 31 -6.21 -8.72 -11.50
CA LEU A 31 -7.66 -8.77 -11.44
C LEU A 31 -8.27 -7.47 -10.92
N THR A 32 -7.56 -6.75 -10.08
CA THR A 32 -8.19 -5.61 -9.41
C THR A 32 -7.61 -4.23 -9.74
N LEU A 33 -6.46 -4.21 -10.41
CA LEU A 33 -5.76 -2.94 -10.67
C LEU A 33 -5.21 -2.90 -12.09
N PRO A 34 -5.22 -1.71 -12.70
CA PRO A 34 -4.62 -1.56 -14.02
C PRO A 34 -3.13 -1.26 -13.92
N GLU A 35 -2.62 -1.14 -12.69
CA GLU A 35 -1.21 -0.89 -12.46
C GLU A 35 -0.53 -2.24 -12.19
N ASN A 36 -0.12 -2.89 -13.27
CA ASN A 36 0.43 -4.24 -13.19
C ASN A 36 1.95 -4.29 -13.19
N TYR A 37 2.50 -4.40 -11.98
CA TYR A 37 3.93 -4.53 -11.77
C TYR A 37 4.43 -5.91 -12.16
N PRO A 38 5.64 -5.98 -12.74
CA PRO A 38 6.28 -7.25 -13.10
C PRO A 38 6.74 -8.08 -11.90
N TYR A 39 7.05 -9.35 -12.16
CA TYR A 39 7.44 -10.31 -11.15
C TYR A 39 8.57 -9.79 -10.24
N TYR A 40 9.69 -9.41 -10.85
CA TYR A 40 10.89 -9.00 -10.13
C TYR A 40 10.59 -7.87 -9.16
N PHE A 41 9.66 -7.02 -9.56
CA PHE A 41 9.26 -5.84 -8.79
C PHE A 41 8.70 -6.26 -7.42
N PHE A 42 7.76 -7.19 -7.44
CA PHE A 42 7.19 -7.75 -6.22
C PHE A 42 8.28 -8.40 -5.35
N VAL A 43 9.14 -9.19 -5.98
CA VAL A 43 10.21 -9.90 -5.27
C VAL A 43 11.15 -8.95 -4.52
N GLU A 44 11.73 -7.99 -5.24
CA GLU A 44 12.63 -7.03 -4.63
C GLU A 44 11.99 -6.25 -3.49
N HIS A 45 10.70 -5.96 -3.58
CA HIS A 45 10.06 -5.27 -2.44
C HIS A 45 9.84 -6.23 -1.29
N LEU A 46 9.52 -7.48 -1.61
CA LEU A 46 9.40 -8.51 -0.59
C LEU A 46 10.72 -8.61 0.13
N LYS A 47 11.77 -8.68 -0.67
CA LYS A 47 13.15 -8.81 -0.21
C LYS A 47 13.71 -7.61 0.59
N GLU A 48 13.33 -6.39 0.21
CA GLU A 48 13.83 -5.19 0.89
C GLU A 48 12.94 -4.73 2.06
N TYR A 49 11.63 -4.92 1.93
CA TYR A 49 10.70 -4.30 2.86
C TYR A 49 9.70 -5.32 3.38
N GLY A 50 10.15 -6.58 3.46
CA GLY A 50 9.27 -7.69 3.72
C GLY A 50 8.50 -7.59 5.01
N LEU A 51 9.12 -6.98 6.01
CA LEU A 51 8.49 -6.89 7.32
C LEU A 51 7.16 -6.08 7.29
N ALA A 52 7.00 -5.21 6.29
CA ALA A 52 5.75 -4.46 6.13
C ALA A 52 4.91 -4.99 4.95
N PHE A 53 5.33 -6.13 4.39
CA PHE A 53 4.64 -6.76 3.27
C PHE A 53 3.70 -7.83 3.83
N PHE A 54 2.40 -7.59 3.75
CA PHE A 54 1.45 -8.54 4.34
C PHE A 54 0.48 -9.14 3.32
N VAL A 55 0.03 -10.35 3.62
CA VAL A 55 -1.03 -10.99 2.84
C VAL A 55 -2.17 -11.34 3.77
N ALA A 56 -3.40 -11.31 3.25
CA ALA A 56 -4.55 -11.85 3.96
C ALA A 56 -4.91 -13.26 3.42
N ILE A 57 -4.99 -14.23 4.32
CA ILE A 57 -5.22 -15.61 3.92
C ILE A 57 -6.65 -16.05 4.24
N VAL A 58 -7.32 -16.64 3.27
CA VAL A 58 -8.56 -17.38 3.52
C VAL A 58 -8.42 -18.80 3.00
N ASP A 59 -8.44 -19.77 3.93
CA ASP A 59 -8.42 -21.20 3.60
C ASP A 59 -7.33 -21.60 2.60
N ASN A 60 -6.07 -21.42 2.99
CA ASN A 60 -4.91 -21.73 2.15
C ASN A 60 -4.77 -20.88 0.88
N SER A 61 -5.57 -19.83 0.73
CA SER A 61 -5.45 -18.95 -0.44
C SER A 61 -5.23 -17.50 -0.04
N VAL A 62 -4.35 -16.81 -0.76
CA VAL A 62 -4.09 -15.38 -0.57
C VAL A 62 -5.23 -14.61 -1.21
N VAL A 63 -5.89 -13.71 -0.47
CA VAL A 63 -7.07 -13.00 -1.00
C VAL A 63 -6.89 -11.48 -0.99
N GLY A 64 -5.72 -11.05 -0.52
CA GLY A 64 -5.34 -9.66 -0.52
C GLY A 64 -3.91 -9.46 -0.06
N TYR A 65 -3.37 -8.28 -0.33
CA TYR A 65 -1.98 -7.97 -0.02
C TYR A 65 -1.76 -6.47 0.06
N ILE A 66 -0.70 -6.08 0.74
CA ILE A 66 -0.21 -4.72 0.72
C ILE A 66 1.29 -4.74 0.49
N MET A 67 1.76 -4.01 -0.52
CA MET A 67 3.18 -3.96 -0.81
C MET A 67 3.71 -2.61 -0.46
N PRO A 68 4.69 -2.57 0.46
CA PRO A 68 5.31 -1.38 1.07
C PRO A 68 6.63 -0.97 0.42
N ARG A 69 7.03 0.28 0.62
CA ARG A 69 8.38 0.72 0.28
C ARG A 69 8.85 1.69 1.36
N ILE A 70 10.14 1.65 1.67
CA ILE A 70 10.70 2.56 2.66
C ILE A 70 11.76 3.35 1.96
N GLU A 71 11.76 4.66 2.13
CA GLU A 71 12.82 5.44 1.50
C GLU A 71 13.12 6.71 2.28
N TRP A 72 14.27 7.30 2.00
CA TRP A 72 14.52 8.68 2.39
C TRP A 72 13.91 9.63 1.37
N GLY A 73 13.39 10.76 1.84
CA GLY A 73 12.86 11.77 0.95
C GLY A 73 12.42 12.97 1.74
N PHE A 74 11.79 13.92 1.05
CA PHE A 74 11.31 15.13 1.69
C PHE A 74 9.88 14.99 2.20
N SER A 75 9.61 15.67 3.31
CA SER A 75 8.37 15.44 4.05
C SER A 75 7.15 15.95 3.31
N ASN A 76 6.05 15.22 3.44
CA ASN A 76 4.77 15.67 2.96
C ASN A 76 3.98 16.34 4.06
N ILE A 77 4.47 16.18 5.29
CA ILE A 77 3.79 16.70 6.47
C ILE A 77 4.26 18.11 6.80
N LYS A 78 5.56 18.25 7.06
CA LYS A 78 6.14 19.57 7.28
C LYS A 78 6.99 19.96 6.08
N GLN A 79 7.30 21.24 5.99
CA GLN A 79 8.20 21.70 4.95
C GLN A 79 9.60 21.87 5.54
N LEU A 80 10.45 20.85 5.37
CA LEU A 80 11.83 20.90 5.83
C LEU A 80 12.77 20.76 4.64
N PRO A 81 13.95 21.40 4.74
CA PRO A 81 14.98 21.27 3.70
C PRO A 81 15.81 19.98 3.82
N SER A 82 15.66 19.27 4.94
CA SER A 82 16.36 18.00 5.16
C SER A 82 15.46 16.78 4.98
N LEU A 83 16.10 15.66 4.64
CA LEU A 83 15.40 14.38 4.43
C LEU A 83 14.76 13.83 5.71
N VAL A 84 13.72 13.01 5.50
CA VAL A 84 12.98 12.32 6.56
C VAL A 84 12.64 10.91 6.06
N ARG A 85 12.47 9.94 6.97
CA ARG A 85 12.21 8.56 6.56
C ARG A 85 10.73 8.29 6.29
N LYS A 86 10.41 7.91 5.05
CA LYS A 86 9.00 7.72 4.65
C LYS A 86 8.69 6.29 4.22
N GLY A 87 7.49 5.83 4.58
CA GLY A 87 6.95 4.57 4.08
C GLY A 87 5.98 4.91 2.96
N GLU A 88 5.91 4.03 1.96
CA GLU A 88 4.98 4.23 0.86
C GLU A 88 4.21 2.96 0.67
N VAL A 89 2.89 3.06 0.68
CA VAL A 89 2.02 1.99 0.22
C VAL A 89 2.03 1.99 -1.30
N VAL A 90 2.82 1.09 -1.88
CA VAL A 90 2.99 1.05 -3.33
C VAL A 90 1.74 0.48 -4.02
N SER A 91 1.12 -0.48 -3.34
CA SER A 91 -0.04 -1.17 -3.87
C SER A 91 -0.75 -1.93 -2.75
N ILE A 92 -2.06 -1.92 -2.80
CA ILE A 92 -2.85 -2.71 -1.89
C ILE A 92 -4.11 -3.12 -2.63
N ALA A 93 -4.55 -4.36 -2.43
CA ALA A 93 -5.80 -4.78 -3.03
C ALA A 93 -6.33 -6.00 -2.33
N VAL A 94 -7.66 -6.08 -2.30
CA VAL A 94 -8.37 -7.19 -1.72
C VAL A 94 -9.28 -7.75 -2.80
N LEU A 95 -9.47 -9.06 -2.90
CA LEU A 95 -10.37 -9.56 -3.93
C LEU A 95 -11.82 -9.15 -3.64
N GLU A 96 -12.60 -9.00 -4.72
CA GLU A 96 -13.97 -8.55 -4.63
C GLU A 96 -14.81 -9.36 -3.63
N GLU A 97 -14.67 -10.69 -3.65
CA GLU A 97 -15.40 -11.56 -2.74
C GLU A 97 -15.19 -11.24 -1.24
N TYR A 98 -14.02 -10.71 -0.89
CA TYR A 98 -13.69 -10.59 0.53
C TYR A 98 -13.69 -9.14 1.00
N ARG A 99 -14.26 -8.25 0.19
CA ARG A 99 -14.34 -6.84 0.55
C ARG A 99 -15.35 -6.56 1.65
N ARG A 100 -15.19 -5.39 2.28
CA ARG A 100 -16.06 -4.92 3.36
C ARG A 100 -16.00 -5.78 4.62
N LYS A 101 -14.88 -6.45 4.84
CA LYS A 101 -14.74 -7.31 6.02
C LYS A 101 -13.65 -6.80 6.94
N GLY A 102 -13.11 -5.64 6.60
CA GLY A 102 -11.98 -5.07 7.34
C GLY A 102 -10.61 -5.54 6.86
N ILE A 103 -10.54 -6.21 5.72
CA ILE A 103 -9.25 -6.81 5.31
C ILE A 103 -8.24 -5.73 4.95
N ALA A 104 -8.60 -4.84 4.03
CA ALA A 104 -7.72 -3.70 3.69
C ALA A 104 -7.32 -2.88 4.91
N THR A 105 -8.26 -2.63 5.80
CA THR A 105 -7.95 -1.93 7.02
C THR A 105 -6.84 -2.60 7.80
N THR A 106 -7.01 -3.90 8.07
CA THR A 106 -6.08 -4.61 8.94
C THR A 106 -4.71 -4.74 8.27
N LEU A 107 -4.68 -4.98 6.95
CA LEU A 107 -3.43 -4.99 6.17
C LEU A 107 -2.66 -3.66 6.33
N LEU A 108 -3.37 -2.54 6.16
CA LEU A 108 -2.73 -1.22 6.20
C LEU A 108 -2.18 -0.85 7.60
N GLU A 109 -2.93 -1.15 8.65
CA GLU A 109 -2.45 -0.96 10.03
C GLU A 109 -1.25 -1.84 10.32
N ALA A 110 -1.29 -3.07 9.80
CA ALA A 110 -0.21 -4.01 9.97
C ALA A 110 1.02 -3.41 9.34
N SER A 111 0.86 -2.98 8.10
CA SER A 111 2.00 -2.43 7.36
C SER A 111 2.54 -1.14 8.00
N MET A 112 1.65 -0.20 8.29
CA MET A 112 2.02 1.07 8.91
C MET A 112 2.75 0.85 10.24
N LYS A 113 2.28 -0.11 11.04
CA LYS A 113 2.95 -0.40 12.30
C LYS A 113 4.38 -0.86 12.04
N SER A 114 4.56 -1.62 10.96
CA SER A 114 5.88 -2.14 10.64
C SER A 114 6.75 -1.03 10.06
N MET A 115 6.16 -0.17 9.24
CA MET A 115 6.92 0.97 8.73
C MET A 115 7.43 1.82 9.89
N LYS A 116 6.60 1.96 10.92
CA LYS A 116 7.01 2.71 12.10
C LYS A 116 8.09 2.00 12.92
N ASN A 117 7.84 0.75 13.29
CA ASN A 117 8.70 0.08 14.26
C ASN A 117 9.88 -0.68 13.65
N ASP A 118 9.71 -1.29 12.49
CA ASP A 118 10.83 -2.01 11.90
C ASP A 118 11.73 -1.09 11.06
N TYR A 119 11.15 -0.08 10.41
CA TYR A 119 11.87 0.70 9.40
C TYR A 119 12.03 2.16 9.79
N ASN A 120 11.50 2.50 10.96
CA ASN A 120 11.62 3.83 11.55
C ASN A 120 11.18 4.96 10.65
N ALA A 121 10.13 4.72 9.87
CA ALA A 121 9.51 5.78 9.09
C ALA A 121 8.79 6.72 10.03
N GLU A 122 8.72 7.99 9.66
CA GLU A 122 8.08 8.95 10.52
C GLU A 122 6.79 9.45 9.87
N GLU A 123 6.57 9.02 8.64
CA GLU A 123 5.34 9.37 7.96
C GLU A 123 5.15 8.42 6.82
N ILE A 124 3.93 8.37 6.30
CA ILE A 124 3.64 7.46 5.21
C ILE A 124 2.81 8.16 4.12
N TYR A 125 3.03 7.78 2.88
CA TYR A 125 2.24 8.32 1.78
C TYR A 125 1.81 7.25 0.77
N LEU A 126 0.99 7.68 -0.19
CA LEU A 126 0.50 6.81 -1.27
C LEU A 126 -0.08 7.68 -2.36
N HIS A 127 -0.39 7.04 -3.49
CA HIS A 127 -1.11 7.72 -4.56
C HIS A 127 -2.40 6.96 -4.78
N VAL A 128 -3.47 7.67 -5.12
CA VAL A 128 -4.73 7.02 -5.50
C VAL A 128 -5.43 7.83 -6.62
N ARG A 129 -6.15 7.14 -7.50
CA ARG A 129 -6.93 7.81 -8.54
C ARG A 129 -7.96 8.72 -7.90
N VAL A 130 -8.16 9.90 -8.48
CA VAL A 130 -9.03 10.89 -7.85
C VAL A 130 -10.49 10.41 -7.77
N SER A 131 -10.81 9.34 -8.50
CA SER A 131 -12.17 8.82 -8.50
C SER A 131 -12.26 7.46 -7.85
N ASN A 132 -11.18 7.02 -7.20
CA ASN A 132 -11.24 5.75 -6.47
C ASN A 132 -11.82 6.01 -5.08
N TYR A 133 -13.09 6.38 -5.07
CA TYR A 133 -13.78 6.76 -3.84
C TYR A 133 -13.75 5.72 -2.71
N PRO A 134 -13.89 4.42 -3.03
CA PRO A 134 -13.82 3.50 -1.89
C PRO A 134 -12.43 3.50 -1.26
N ALA A 135 -11.39 3.63 -2.07
CA ALA A 135 -10.03 3.58 -1.56
C ALA A 135 -9.66 4.88 -0.79
N ILE A 136 -9.98 6.04 -1.36
CA ILE A 136 -9.89 7.30 -0.66
C ILE A 136 -10.58 7.25 0.71
N ALA A 137 -11.83 6.76 0.74
CA ALA A 137 -12.59 6.66 1.99
C ALA A 137 -11.85 5.83 3.04
N LEU A 138 -11.28 4.72 2.59
CA LEU A 138 -10.54 3.82 3.48
C LEU A 138 -9.30 4.51 4.03
N TYR A 139 -8.60 5.25 3.18
CA TYR A 139 -7.41 5.99 3.60
C TYR A 139 -7.78 7.09 4.61
N GLU A 140 -8.79 7.88 4.30
CA GLU A 140 -9.18 8.95 5.21
C GLU A 140 -9.62 8.43 6.58
N LYS A 141 -10.26 7.27 6.61
CA LYS A 141 -10.61 6.61 7.87
C LYS A 141 -9.35 6.34 8.68
N LEU A 142 -8.24 6.15 7.98
CA LEU A 142 -6.98 5.82 8.63
C LEU A 142 -6.03 7.02 8.73
N ASN A 143 -6.63 8.21 8.70
CA ASN A 143 -5.98 9.51 8.94
C ASN A 143 -5.26 10.15 7.75
N PHE A 144 -5.24 9.51 6.59
CA PHE A 144 -4.59 10.09 5.41
C PHE A 144 -5.33 11.34 4.98
N LYS A 145 -4.56 12.32 4.46
CA LYS A 145 -5.08 13.61 4.02
C LYS A 145 -4.57 13.91 2.62
N LYS A 146 -5.35 14.62 1.81
CA LYS A 146 -4.85 14.99 0.48
C LYS A 146 -3.74 16.05 0.62
N VAL A 147 -2.63 15.80 -0.07
CA VAL A 147 -1.47 16.69 -0.08
C VAL A 147 -1.37 17.47 -1.40
N LYS A 148 -1.66 16.77 -2.50
CA LYS A 148 -1.36 17.28 -3.84
C LYS A 148 -2.19 16.58 -4.91
N VAL A 149 -2.53 17.28 -5.99
CA VAL A 149 -3.13 16.62 -7.14
C VAL A 149 -2.08 16.46 -8.24
N LEU A 150 -1.85 15.23 -8.67
CA LEU A 150 -0.86 14.96 -9.72
C LEU A 150 -1.55 14.75 -11.03
N LYS A 151 -1.54 15.78 -11.87
CA LYS A 151 -2.33 15.79 -13.09
C LYS A 151 -1.86 14.71 -14.06
N GLY A 152 -2.80 13.88 -14.54
CA GLY A 152 -2.50 12.83 -15.48
C GLY A 152 -1.47 11.83 -14.99
N TYR A 153 -1.49 11.57 -13.69
CA TYR A 153 -0.51 10.66 -13.09
C TYR A 153 -0.58 9.23 -13.67
N TYR A 154 -1.80 8.73 -13.88
CA TYR A 154 -1.97 7.35 -14.32
C TYR A 154 -1.88 7.19 -15.85
N ALA A 155 -1.51 5.99 -16.31
CA ALA A 155 -1.33 5.70 -17.73
C ALA A 155 -2.53 6.07 -18.58
N ASP A 156 -3.73 5.76 -18.07
CA ASP A 156 -4.96 6.03 -18.80
C ASP A 156 -5.33 7.52 -18.77
N GLY A 157 -4.48 8.31 -18.09
CA GLY A 157 -4.61 9.76 -18.06
C GLY A 157 -5.31 10.38 -16.85
N GLU A 158 -5.72 9.55 -15.89
CA GLU A 158 -6.45 10.08 -14.73
C GLU A 158 -5.50 10.76 -13.74
N ASP A 159 -5.99 11.78 -13.05
CA ASP A 159 -5.22 12.44 -11.98
C ASP A 159 -5.10 11.56 -10.74
N ALA A 160 -4.08 11.83 -9.93
CA ALA A 160 -3.93 11.21 -8.61
C ALA A 160 -3.98 12.22 -7.47
N TYR A 161 -4.41 11.75 -6.31
CA TYR A 161 -4.13 12.43 -5.07
C TYR A 161 -2.87 11.83 -4.45
N LEU A 162 -1.91 12.66 -4.12
CA LEU A 162 -0.88 12.23 -3.19
C LEU A 162 -1.48 12.38 -1.80
N MET A 163 -1.57 11.29 -1.06
CA MET A 163 -2.15 11.34 0.28
C MET A 163 -1.13 10.93 1.32
N ALA A 164 -1.14 11.59 2.48
CA ALA A 164 -0.12 11.34 3.49
C ALA A 164 -0.67 11.43 4.91
N ARG A 165 0.05 10.80 5.83
CA ARG A 165 -0.25 10.95 7.24
C ARG A 165 1.04 10.76 8.06
N PRO A 166 1.11 11.38 9.23
CA PRO A 166 2.22 11.21 10.17
C PRO A 166 2.18 9.85 10.87
N LEU A 167 3.32 9.41 11.41
CA LEU A 167 3.35 8.22 12.26
C LEU A 167 3.69 8.59 13.69
#